data_4EK9
#
_entry.id   4EK9
#
_cell.length_a   152.810
_cell.length_b   152.810
_cell.length_c   51.370
_cell.angle_alpha   90.00
_cell.angle_beta   90.00
_cell.angle_gamma   120.00
#
_symmetry.space_group_name_H-M   'P 65'
#
loop_
_entity.id
_entity.type
_entity.pdbx_description
1 polymer 'Histone-lysine N-methyltransferase, H3 lysine-79 specific'
2 non-polymer "5'-deoxy-5'-(dimethylamino)adenosine"
3 non-polymer 'SULFATE ION'
4 non-polymer GLYCEROL
5 water water
#
_entity_poly.entity_id   1
_entity_poly.type   'polypeptide(L)'
_entity_poly.pdbx_seq_one_letter_code
;HHHHHHSSGMGEKLELRLKSPVGAEPAVYPWPLPVYDKHHDAAHEIIETIRWVCEEIPDLKLAMENYVLIDYDTKSFESM
QRLCDKYNRAIDSIHQLWKGTTQPMKLNTRPSTGLLRHILQQVYNHSVTDPEKLNNYEPFSPEVYGETSFDLVAQMIDEI
KMTDDDLFVDLGSGVGQVVLQVAAATNCKHHYGVEKADIPAKYAETMDREFRKWMKWYGKKHAEYTLERGDFLSEEWRER
IANTSVIFVNNFAFGPEVDHQLKERFANMKEGGRIVSSKPFAPLNFRINSRNLSDIGTIMRVVELSPLKGSVSWTGKPVS
YYLHTIDRTILENYFSSLKNPKLREEQEAARRRQQRESKSNAATPTKGPEGKVAGPADAPMDSGAEEEKAGAATVKKPSP
SKARKKKLNKKGRKMAGRKRGRPKK
;
_entity_poly.pdbx_strand_id   A
#
loop_
_chem_comp.id
_chem_comp.type
_chem_comp.name
_chem_comp.formula
EP4 non-polymer 5'-deoxy-5'-(dimethylamino)adenosine 'C12 H18 N6 O3'
GOL non-polymer GLYCEROL 'C3 H8 O3'
SO4 non-polymer 'SULFATE ION' 'O4 S -2'
#
# COMPACT_ATOMS: atom_id res chain seq x y z
N LEU A 14 19.57 1.79 -28.74
CA LEU A 14 18.35 0.92 -28.92
C LEU A 14 17.31 1.02 -27.79
N GLU A 15 16.03 1.06 -28.15
CA GLU A 15 14.96 1.40 -27.20
C GLU A 15 13.59 0.81 -27.53
N LEU A 16 12.73 0.79 -26.51
CA LEU A 16 11.31 0.51 -26.68
C LEU A 16 10.55 1.63 -25.99
N ARG A 17 9.44 2.07 -26.59
CA ARG A 17 8.70 3.20 -26.05
C ARG A 17 7.20 2.93 -25.95
N LEU A 18 6.57 3.46 -24.92
CA LEU A 18 5.15 3.29 -24.76
C LEU A 18 4.52 4.63 -24.47
N LYS A 19 3.56 5.02 -25.29
CA LYS A 19 2.84 6.28 -25.12
C LYS A 19 1.87 6.20 -23.96
N SER A 20 1.85 7.25 -23.15
CA SER A 20 0.89 7.37 -22.07
C SER A 20 -0.51 7.54 -22.65
N PRO A 21 -1.52 6.83 -22.12
CA PRO A 21 -2.87 7.03 -22.66
C PRO A 21 -3.44 8.44 -22.47
N VAL A 22 -2.78 9.28 -21.66
CA VAL A 22 -3.35 10.60 -21.35
C VAL A 22 -2.42 11.73 -21.79
N GLY A 23 -1.38 11.39 -22.52
CA GLY A 23 -0.46 12.39 -23.00
C GLY A 23 0.79 12.66 -22.21
N ALA A 24 1.03 11.98 -21.10
CA ALA A 24 2.30 12.16 -20.36
C ALA A 24 3.54 11.72 -21.17
N GLU A 25 4.74 11.92 -20.63
CA GLU A 25 5.95 11.50 -21.36
C GLU A 25 5.93 10.01 -21.57
N PRO A 26 6.34 9.57 -22.76
CA PRO A 26 6.38 8.13 -23.00
C PRO A 26 7.27 7.43 -22.00
N ALA A 27 6.96 6.17 -21.72
CA ALA A 27 7.82 5.34 -20.92
C ALA A 27 8.86 4.77 -21.87
N VAL A 28 10.14 4.90 -21.53
CA VAL A 28 11.22 4.37 -22.42
C VAL A 28 11.98 3.24 -21.75
N TYR A 29 12.10 2.12 -22.43
CA TYR A 29 12.89 1.00 -21.94
C TYR A 29 14.13 0.69 -22.80
N PRO A 30 15.29 0.51 -22.14
CA PRO A 30 16.51 0.13 -22.84
C PRO A 30 16.44 -1.31 -23.36
N TRP A 31 17.24 -1.62 -24.38
CA TRP A 31 17.40 -3.01 -24.86
C TRP A 31 18.83 -3.52 -24.68
N PRO A 32 19.02 -4.80 -24.30
CA PRO A 32 18.00 -5.78 -23.90
C PRO A 32 17.27 -5.36 -22.61
N LEU A 33 16.07 -5.88 -22.41
CA LEU A 33 15.24 -5.43 -21.30
C LEU A 33 15.74 -6.03 -19.99
N PRO A 34 15.80 -5.22 -18.93
CA PRO A 34 16.31 -5.75 -17.66
C PRO A 34 15.43 -6.83 -17.02
N VAL A 35 16.06 -7.65 -16.18
CA VAL A 35 15.37 -8.59 -15.32
C VAL A 35 15.30 -8.03 -13.89
N TYR A 36 14.21 -8.33 -13.20
CA TYR A 36 13.97 -7.73 -11.90
C TYR A 36 14.24 -8.74 -10.79
N ASP A 37 13.68 -9.93 -10.98
CA ASP A 37 13.89 -11.06 -10.12
C ASP A 37 13.56 -12.29 -10.95
N LYS A 38 13.37 -13.43 -10.29
CA LYS A 38 13.23 -14.70 -10.98
C LYS A 38 11.95 -14.79 -11.83
N HIS A 39 10.91 -14.02 -11.47
CA HIS A 39 9.63 -14.02 -12.21
C HIS A 39 9.14 -12.63 -12.57
N HIS A 40 10.06 -11.71 -12.76
CA HIS A 40 9.73 -10.34 -13.15
C HIS A 40 10.80 -9.79 -14.05
N ASP A 41 10.42 -9.45 -15.28
CA ASP A 41 11.32 -8.70 -16.16
C ASP A 41 10.57 -7.53 -16.81
N ALA A 42 11.31 -6.61 -17.43
CA ALA A 42 10.70 -5.51 -18.14
C ALA A 42 9.77 -5.98 -19.30
N ALA A 43 10.16 -7.06 -19.98
CA ALA A 43 9.34 -7.61 -21.05
C ALA A 43 7.93 -7.85 -20.60
N HIS A 44 7.77 -8.40 -19.40
CA HIS A 44 6.42 -8.70 -18.94
C HIS A 44 5.74 -7.50 -18.40
N GLU A 45 6.51 -6.59 -17.82
CA GLU A 45 5.99 -5.29 -17.48
C GLU A 45 5.36 -4.57 -18.70
N ILE A 46 6.06 -4.60 -19.83
CA ILE A 46 5.62 -3.94 -21.04
C ILE A 46 4.29 -4.54 -21.46
N ILE A 47 4.32 -5.86 -21.62
CA ILE A 47 3.14 -6.59 -22.01
C ILE A 47 1.98 -6.29 -21.09
N GLU A 48 2.26 -6.17 -19.80
CA GLU A 48 1.20 -6.10 -18.80
C GLU A 48 0.61 -4.70 -18.68
N THR A 49 1.48 -3.69 -18.85
CA THR A 49 1.04 -2.33 -18.95
C THR A 49 0.11 -2.17 -20.16
N ILE A 50 0.50 -2.74 -21.31
CA ILE A 50 -0.39 -2.68 -22.48
C ILE A 50 -1.71 -3.36 -22.13
N ARG A 51 -1.60 -4.53 -21.49
CA ARG A 51 -2.77 -5.30 -21.12
C ARG A 51 -3.69 -4.42 -20.26
N TRP A 52 -3.10 -3.68 -19.33
CA TRP A 52 -3.88 -2.86 -18.40
C TRP A 52 -4.46 -1.60 -18.94
N VAL A 53 -3.83 -1.03 -19.96
CA VAL A 53 -4.39 0.16 -20.54
C VAL A 53 -5.57 -0.25 -21.41
N CYS A 54 -5.46 -1.41 -22.05
CA CYS A 54 -6.62 -1.95 -22.74
C CYS A 54 -7.78 -2.18 -21.79
N GLU A 55 -7.47 -2.50 -20.54
CA GLU A 55 -8.53 -2.66 -19.57
C GLU A 55 -9.23 -1.34 -19.23
N GLU A 56 -8.49 -0.26 -19.19
CA GLU A 56 -9.03 1.03 -18.86
C GLU A 56 -9.75 1.65 -20.05
N ILE A 57 -9.30 1.35 -21.25
CA ILE A 57 -9.90 1.95 -22.43
C ILE A 57 -10.43 0.87 -23.38
N PRO A 58 -11.73 0.60 -23.31
CA PRO A 58 -12.37 -0.41 -24.15
C PRO A 58 -12.06 -0.22 -25.65
N ASP A 59 -12.18 1.03 -26.13
CA ASP A 59 -11.92 1.34 -27.54
C ASP A 59 -10.53 0.85 -27.90
N LEU A 60 -9.58 1.09 -27.01
CA LEU A 60 -8.20 0.66 -27.21
C LEU A 60 -8.12 -0.84 -27.37
N LYS A 61 -8.95 -1.55 -26.62
CA LYS A 61 -8.96 -3.00 -26.66
C LYS A 61 -9.49 -3.48 -28.00
N LEU A 62 -10.59 -2.87 -28.47
CA LEU A 62 -11.15 -3.17 -29.81
C LEU A 62 -10.08 -2.97 -30.85
N ALA A 63 -9.42 -1.81 -30.78
CA ALA A 63 -8.39 -1.41 -31.73
C ALA A 63 -7.17 -2.33 -31.67
N MET A 64 -7.12 -3.10 -30.60
CA MET A 64 -5.93 -3.82 -30.27
C MET A 64 -6.11 -5.32 -30.51
N GLU A 65 -7.36 -5.80 -30.50
CA GLU A 65 -7.66 -7.26 -30.61
C GLU A 65 -6.95 -7.97 -31.78
N ASN A 66 -6.90 -7.28 -32.92
CA ASN A 66 -6.59 -7.86 -34.25
C ASN A 66 -5.09 -8.16 -34.51
N TYR A 67 -4.54 -9.16 -33.79
CA TYR A 67 -3.11 -9.57 -33.86
C TYR A 67 -2.82 -10.60 -34.97
N ASP A 71 1.34 -12.86 -32.81
CA ASP A 71 2.16 -13.46 -31.75
C ASP A 71 3.30 -12.53 -31.35
N TYR A 72 3.95 -12.86 -30.25
CA TYR A 72 5.08 -12.09 -29.74
C TYR A 72 6.01 -13.01 -28.95
N ASP A 73 7.31 -12.78 -29.11
CA ASP A 73 8.33 -13.51 -28.39
C ASP A 73 9.16 -12.50 -27.62
N THR A 74 9.27 -12.72 -26.31
CA THR A 74 9.89 -11.77 -25.38
C THR A 74 11.36 -11.48 -25.67
N LYS A 75 12.00 -12.37 -26.44
CA LYS A 75 13.44 -12.30 -26.62
C LYS A 75 13.87 -11.52 -27.85
N SER A 76 12.94 -11.28 -28.76
CA SER A 76 13.20 -10.57 -30.02
C SER A 76 12.86 -9.09 -29.93
N PHE A 77 13.83 -8.24 -30.29
CA PHE A 77 13.65 -6.77 -30.32
C PHE A 77 12.59 -6.33 -31.35
N GLU A 78 12.63 -6.88 -32.55
CA GLU A 78 11.62 -6.59 -33.56
C GLU A 78 10.26 -7.05 -33.08
N SER A 79 10.21 -8.26 -32.53
CA SER A 79 8.95 -8.81 -32.05
C SER A 79 8.32 -7.95 -30.95
N MET A 80 9.16 -7.37 -30.09
CA MET A 80 8.71 -6.52 -29.00
C MET A 80 8.31 -5.15 -29.53
N GLN A 81 9.17 -4.62 -30.37
CA GLN A 81 8.97 -3.30 -30.95
C GLN A 81 7.75 -3.28 -31.87
N ARG A 82 7.39 -4.41 -32.44
CA ARG A 82 6.17 -4.46 -33.24
C ARG A 82 4.94 -4.39 -32.34
N LEU A 83 5.05 -4.90 -31.12
CA LEU A 83 3.97 -4.78 -30.13
C LEU A 83 3.84 -3.35 -29.57
N CYS A 84 4.97 -2.77 -29.15
CA CYS A 84 4.98 -1.41 -28.68
C CYS A 84 4.40 -0.50 -29.74
N ASP A 85 4.84 -0.72 -30.98
CA ASP A 85 4.41 0.10 -32.09
C ASP A 85 2.92 -0.07 -32.37
N LYS A 86 2.45 -1.32 -32.36
CA LYS A 86 1.03 -1.59 -32.55
C LYS A 86 0.18 -0.86 -31.48
N TYR A 87 0.65 -0.85 -30.24
CA TYR A 87 -0.04 -0.15 -29.16
C TYR A 87 0.07 1.35 -29.35
N ASN A 88 1.27 1.84 -29.71
CA ASN A 88 1.43 3.29 -29.90
C ASN A 88 0.51 3.84 -31.02
N ARG A 89 0.39 3.09 -32.11
CA ARG A 89 -0.56 3.43 -33.15
C ARG A 89 -1.97 3.55 -32.60
N ALA A 90 -2.41 2.54 -31.85
CA ALA A 90 -3.77 2.53 -31.34
C ALA A 90 -4.03 3.69 -30.39
N ILE A 91 -3.02 4.09 -29.63
CA ILE A 91 -3.15 5.26 -28.75
C ILE A 91 -3.39 6.51 -29.58
N ASP A 92 -2.52 6.72 -30.59
CA ASP A 92 -2.70 7.82 -31.53
C ASP A 92 -4.13 7.82 -32.07
N SER A 93 -4.56 6.65 -32.51
CA SER A 93 -5.90 6.47 -32.95
C SER A 93 -6.96 6.93 -31.94
N ILE A 94 -6.91 6.40 -30.72
CA ILE A 94 -7.86 6.76 -29.67
C ILE A 94 -7.85 8.26 -29.37
N HIS A 95 -6.65 8.86 -29.32
CA HIS A 95 -6.56 10.30 -29.10
C HIS A 95 -7.26 11.08 -30.17
N GLN A 96 -7.24 10.56 -31.41
CA GLN A 96 -7.96 11.20 -32.51
C GLN A 96 -9.44 11.05 -32.29
N LEU A 97 -9.84 9.86 -31.84
CA LEU A 97 -11.20 9.60 -31.46
C LEU A 97 -11.72 10.61 -30.44
N TRP A 98 -10.87 10.99 -29.48
CA TRP A 98 -11.28 11.92 -28.42
C TRP A 98 -11.39 13.34 -28.87
N LYS A 99 -10.64 13.70 -29.90
CA LYS A 99 -10.83 14.99 -30.57
C LYS A 99 -12.16 15.06 -31.34
N GLY A 100 -12.72 13.91 -31.70
CA GLY A 100 -14.02 13.84 -32.39
C GLY A 100 -15.17 14.23 -31.48
N THR A 101 -16.34 13.64 -31.70
CA THR A 101 -17.46 13.92 -30.80
C THR A 101 -17.46 13.05 -29.52
N THR A 102 -16.68 11.97 -29.53
CA THR A 102 -16.46 11.10 -28.35
C THR A 102 -15.84 11.89 -27.17
N GLN A 103 -16.30 11.58 -25.96
CA GLN A 103 -15.74 12.11 -24.70
C GLN A 103 -14.45 11.39 -24.34
N PRO A 104 -13.47 12.11 -23.75
CA PRO A 104 -12.30 11.41 -23.21
C PRO A 104 -12.73 10.39 -22.14
N MET A 105 -11.84 9.43 -21.85
CA MET A 105 -12.02 8.52 -20.72
C MET A 105 -12.26 9.36 -19.46
N LYS A 106 -12.92 8.76 -18.47
CA LYS A 106 -13.12 9.42 -17.18
C LYS A 106 -11.79 9.96 -16.67
N LEU A 107 -11.77 11.28 -16.52
CA LEU A 107 -10.55 12.09 -16.55
C LEU A 107 -9.54 11.83 -15.41
N ASN A 108 -10.04 11.65 -14.18
CA ASN A 108 -9.18 11.46 -13.02
C ASN A 108 -9.89 10.59 -11.96
N THR A 109 -9.82 9.28 -12.12
CA THR A 109 -10.44 8.38 -11.19
C THR A 109 -9.41 7.63 -10.34
N ARG A 110 -9.94 6.84 -9.40
CA ARG A 110 -9.13 5.89 -8.65
C ARG A 110 -8.90 4.70 -9.56
N PRO A 111 -7.78 4.00 -9.37
CA PRO A 111 -7.51 2.84 -10.18
C PRO A 111 -8.25 1.63 -9.67
N SER A 112 -8.71 0.79 -10.58
CA SER A 112 -9.18 -0.55 -10.26
C SER A 112 -8.15 -1.27 -9.36
N THR A 113 -8.60 -2.27 -8.60
CA THR A 113 -7.68 -3.05 -7.77
C THR A 113 -6.57 -3.64 -8.64
N GLY A 114 -6.96 -4.35 -9.69
CA GLY A 114 -6.01 -5.00 -10.61
C GLY A 114 -4.96 -4.04 -11.17
N LEU A 115 -5.39 -2.89 -11.68
CA LEU A 115 -4.45 -1.89 -12.18
C LEU A 115 -3.50 -1.45 -11.09
N LEU A 116 -4.03 -1.26 -9.88
CA LEU A 116 -3.22 -0.80 -8.77
C LEU A 116 -2.12 -1.80 -8.37
N ARG A 117 -2.46 -3.09 -8.38
CA ARG A 117 -1.50 -4.11 -8.08
C ARG A 117 -0.32 -3.98 -9.04
N HIS A 118 -0.62 -3.78 -10.33
CA HIS A 118 0.36 -3.71 -11.39
C HIS A 118 1.18 -2.47 -11.23
N ILE A 119 0.52 -1.34 -11.08
CA ILE A 119 1.23 -0.09 -10.86
C ILE A 119 2.23 -0.15 -9.72
N LEU A 120 1.88 -0.78 -8.60
CA LEU A 120 2.81 -0.77 -7.46
C LEU A 120 3.93 -1.75 -7.70
N GLN A 121 3.60 -2.86 -8.35
CA GLN A 121 4.64 -3.76 -8.79
C GLN A 121 5.62 -3.04 -9.73
N GLN A 122 5.08 -2.20 -10.60
CA GLN A 122 5.90 -1.47 -11.54
C GLN A 122 6.83 -0.50 -10.81
N VAL A 123 6.23 0.28 -9.91
CA VAL A 123 6.96 1.23 -9.06
C VAL A 123 8.07 0.56 -8.23
N TYR A 124 7.74 -0.57 -7.60
CA TYR A 124 8.72 -1.33 -6.85
C TYR A 124 9.93 -1.69 -7.73
N ASN A 125 9.63 -2.29 -8.88
CA ASN A 125 10.64 -2.74 -9.84
C ASN A 125 11.61 -1.65 -10.31
N HIS A 126 11.09 -0.49 -10.61
CA HIS A 126 11.91 0.64 -10.95
C HIS A 126 12.59 1.32 -9.78
N SER A 127 12.25 0.99 -8.53
CA SER A 127 12.81 1.74 -7.40
C SER A 127 13.74 0.92 -6.52
N VAL A 128 13.29 -0.26 -6.16
CA VAL A 128 14.04 -1.16 -5.32
C VAL A 128 15.02 -1.79 -6.28
N THR A 129 16.10 -1.07 -6.54
CA THR A 129 17.07 -1.52 -7.56
C THR A 129 17.74 -2.84 -7.15
N ASP A 130 18.01 -3.00 -5.86
CA ASP A 130 18.57 -4.25 -5.36
C ASP A 130 17.76 -4.79 -4.17
N PRO A 131 16.75 -5.63 -4.46
CA PRO A 131 15.91 -6.25 -3.43
C PRO A 131 16.67 -6.96 -2.30
N GLU A 132 17.84 -7.51 -2.59
CA GLU A 132 18.61 -8.25 -1.59
C GLU A 132 19.15 -7.35 -0.46
N LYS A 133 19.39 -6.08 -0.76
CA LYS A 133 19.86 -5.12 0.25
C LYS A 133 18.82 -4.83 1.35
N LEU A 134 17.57 -5.26 1.11
CA LEU A 134 16.49 -5.10 2.09
C LEU A 134 16.48 -6.20 3.15
N ASN A 135 17.38 -7.16 3.02
CA ASN A 135 17.58 -8.18 4.03
C ASN A 135 18.75 -7.86 4.96
N ASN A 136 19.50 -6.82 4.62
CA ASN A 136 20.62 -6.36 5.43
C ASN A 136 20.15 -5.50 6.60
N TYR A 137 19.40 -6.13 7.50
CA TYR A 137 19.01 -5.51 8.78
C TYR A 137 19.68 -6.34 9.87
N GLU A 138 19.62 -5.89 11.12
CA GLU A 138 20.13 -6.69 12.23
C GLU A 138 19.04 -7.68 12.65
N PRO A 139 19.31 -9.01 12.55
CA PRO A 139 18.30 -10.04 12.88
C PRO A 139 17.95 -10.06 14.37
N PHE A 140 16.69 -10.39 14.69
CA PHE A 140 16.23 -10.43 16.09
C PHE A 140 16.25 -9.05 16.76
N SER A 141 16.01 -8.03 15.95
CA SER A 141 15.88 -6.66 16.43
C SER A 141 14.60 -6.09 15.80
N PRO A 142 14.16 -4.89 16.25
CA PRO A 142 12.98 -4.25 15.63
C PRO A 142 13.16 -3.80 14.16
N GLU A 143 14.38 -3.93 13.61
CA GLU A 143 14.69 -3.56 12.23
C GLU A 143 14.18 -4.56 11.17
N VAL A 144 13.87 -5.79 11.59
CA VAL A 144 13.44 -6.87 10.67
C VAL A 144 12.44 -6.41 9.59
N TYR A 145 12.81 -6.62 8.34
CA TYR A 145 11.99 -6.19 7.21
C TYR A 145 11.08 -7.32 6.72
N GLY A 146 9.80 -7.00 6.59
CA GLY A 146 8.82 -7.88 5.97
C GLY A 146 7.81 -7.03 5.23
N GLU A 147 7.23 -7.58 4.16
CA GLU A 147 6.28 -6.85 3.32
C GLU A 147 4.86 -7.39 3.46
N THR A 148 3.95 -6.53 3.90
CA THR A 148 2.53 -6.89 3.96
C THR A 148 1.93 -7.11 2.54
N SER A 149 1.26 -8.23 2.34
CA SER A 149 0.74 -8.54 1.04
C SER A 149 -0.31 -7.52 0.61
N PHE A 150 -0.28 -7.18 -0.68
CA PHE A 150 -1.26 -6.32 -1.30
C PHE A 150 -2.70 -6.74 -0.93
N ASP A 151 -3.03 -8.03 -1.01
CA ASP A 151 -4.39 -8.51 -0.66
C ASP A 151 -4.82 -8.16 0.77
N LEU A 152 -3.90 -8.27 1.69
CA LEU A 152 -4.18 -7.93 3.04
C LEU A 152 -4.54 -6.47 3.21
N VAL A 153 -3.69 -5.60 2.71
CA VAL A 153 -3.96 -4.17 2.69
C VAL A 153 -5.28 -3.88 1.97
N ALA A 154 -5.55 -4.65 0.92
CA ALA A 154 -6.76 -4.50 0.19
C ALA A 154 -7.89 -4.77 1.17
N GLN A 155 -7.84 -5.92 1.87
CA GLN A 155 -8.85 -6.28 2.88
C GLN A 155 -9.07 -5.16 3.90
N MET A 156 -7.97 -4.64 4.43
CA MET A 156 -8.06 -3.58 5.41
C MET A 156 -8.79 -2.39 4.79
N ILE A 157 -8.44 -2.03 3.57
CA ILE A 157 -9.13 -0.89 2.95
C ILE A 157 -10.65 -1.16 2.93
N ASP A 158 -11.04 -2.34 2.45
CA ASP A 158 -12.43 -2.76 2.37
C ASP A 158 -13.18 -2.74 3.69
N GLU A 159 -12.53 -3.25 4.74
CA GLU A 159 -13.21 -3.42 6.00
C GLU A 159 -13.21 -2.19 6.90
N ILE A 160 -12.28 -1.27 6.68
CA ILE A 160 -12.08 -0.17 7.59
C ILE A 160 -12.59 1.13 7.00
N LYS A 161 -13.76 1.13 6.37
CA LYS A 161 -14.22 2.33 5.65
C LYS A 161 -13.58 3.61 6.23
N MET A 162 -12.92 4.36 5.37
CA MET A 162 -12.29 5.61 5.74
C MET A 162 -12.89 6.74 4.93
N THR A 163 -12.82 7.95 5.49
CA THR A 163 -13.39 9.13 4.85
C THR A 163 -12.34 10.23 4.90
N ASP A 164 -12.69 11.43 4.45
CA ASP A 164 -11.81 12.60 4.46
C ASP A 164 -11.61 13.19 5.85
N ASP A 165 -12.33 12.67 6.84
CA ASP A 165 -12.06 12.98 8.25
C ASP A 165 -10.74 12.39 8.73
N ASP A 166 -10.35 11.27 8.11
CA ASP A 166 -9.30 10.40 8.62
C ASP A 166 -7.88 10.86 8.25
N LEU A 167 -6.94 10.59 9.16
CA LEU A 167 -5.53 10.63 8.87
C LEU A 167 -4.99 9.21 9.00
N PHE A 168 -4.05 8.86 8.12
CA PHE A 168 -3.52 7.50 8.06
C PHE A 168 -2.03 7.44 8.30
N VAL A 169 -1.61 6.51 9.14
CA VAL A 169 -0.19 6.34 9.37
C VAL A 169 0.23 4.90 9.40
N ASP A 170 1.25 4.59 8.60
CA ASP A 170 1.92 3.31 8.63
C ASP A 170 3.21 3.53 9.40
N LEU A 171 3.24 3.04 10.64
CA LEU A 171 4.42 3.14 11.49
C LEU A 171 5.45 2.09 11.10
N GLY A 172 6.63 2.53 10.66
CA GLY A 172 7.60 1.60 10.08
C GLY A 172 7.09 1.21 8.69
N SER A 173 7.15 2.17 7.76
CA SER A 173 6.50 2.05 6.45
C SER A 173 7.28 1.30 5.37
N GLY A 174 8.51 0.92 5.70
CA GLY A 174 9.37 0.16 4.78
C GLY A 174 9.79 1.01 3.61
N VAL A 175 9.57 0.49 2.41
CA VAL A 175 9.79 1.28 1.21
C VAL A 175 8.55 2.12 0.88
N GLY A 176 7.44 1.86 1.59
CA GLY A 176 6.27 2.73 1.55
C GLY A 176 5.08 2.20 0.78
N GLN A 177 5.01 0.89 0.58
CA GLN A 177 4.00 0.37 -0.33
C GLN A 177 2.60 0.37 0.27
N VAL A 178 2.51 0.28 1.59
CA VAL A 178 1.20 0.31 2.23
C VAL A 178 0.59 1.68 2.05
N VAL A 179 1.39 2.71 2.30
CA VAL A 179 0.95 4.09 2.18
C VAL A 179 0.45 4.37 0.76
N LEU A 180 1.28 3.99 -0.21
CA LEU A 180 0.93 4.18 -1.61
C LEU A 180 -0.40 3.50 -1.95
N GLN A 181 -0.56 2.25 -1.54
CA GLN A 181 -1.79 1.56 -1.88
C GLN A 181 -3.00 2.27 -1.23
N VAL A 182 -2.82 2.67 0.03
CA VAL A 182 -3.94 3.25 0.74
C VAL A 182 -4.26 4.59 0.13
N ALA A 183 -3.21 5.35 -0.23
CA ALA A 183 -3.39 6.67 -0.84
C ALA A 183 -4.08 6.54 -2.19
N ALA A 184 -3.72 5.50 -2.93
CA ALA A 184 -4.41 5.22 -4.18
C ALA A 184 -5.88 4.92 -3.97
N ALA A 185 -6.25 4.35 -2.83
CA ALA A 185 -7.58 3.76 -2.70
C ALA A 185 -8.62 4.61 -1.97
N THR A 186 -8.18 5.41 -1.01
CA THR A 186 -9.08 6.11 -0.10
C THR A 186 -8.94 7.62 -0.21
N ASN A 187 -9.82 8.35 0.45
CA ASN A 187 -9.74 9.81 0.43
C ASN A 187 -9.34 10.50 1.75
N CYS A 188 -8.59 9.82 2.62
CA CYS A 188 -8.01 10.49 3.79
C CYS A 188 -7.39 11.85 3.48
N LYS A 189 -7.56 12.78 4.40
CA LYS A 189 -7.00 14.12 4.26
C LYS A 189 -5.51 14.04 3.91
N HIS A 190 -4.83 13.01 4.42
CA HIS A 190 -3.39 12.83 4.23
C HIS A 190 -3.00 11.44 4.70
N HIS A 191 -1.94 10.88 4.12
CA HIS A 191 -1.38 9.58 4.54
C HIS A 191 0.08 9.71 4.85
N TYR A 192 0.53 9.08 5.94
CA TYR A 192 1.94 9.15 6.28
C TYR A 192 2.59 7.78 6.41
N GLY A 193 3.85 7.74 6.04
CA GLY A 193 4.66 6.59 6.37
C GLY A 193 5.90 7.10 7.06
N VAL A 194 6.30 6.43 8.12
CA VAL A 194 7.55 6.75 8.78
C VAL A 194 8.39 5.50 8.99
N GLU A 195 9.64 5.58 8.54
CA GLU A 195 10.56 4.44 8.57
C GLU A 195 11.92 4.91 9.08
N LYS A 196 12.57 4.09 9.89
CA LYS A 196 13.78 4.50 10.61
C LYS A 196 15.09 4.12 9.92
N ALA A 197 15.13 2.93 9.32
CA ALA A 197 16.35 2.37 8.71
C ALA A 197 16.66 3.03 7.36
N ASP A 198 17.95 3.29 7.10
CA ASP A 198 18.40 4.03 5.91
C ASP A 198 17.98 3.36 4.60
N ILE A 199 18.29 2.09 4.49
CA ILE A 199 18.07 1.36 3.25
C ILE A 199 16.62 1.55 2.75
N PRO A 200 15.61 1.03 3.49
CA PRO A 200 14.22 1.20 3.06
C PRO A 200 13.78 2.66 2.90
N ALA A 201 14.22 3.54 3.79
CA ALA A 201 13.91 4.95 3.69
C ALA A 201 14.48 5.56 2.42
N LYS A 202 15.70 5.16 2.06
CA LYS A 202 16.34 5.61 0.81
C LYS A 202 15.47 5.26 -0.39
N TYR A 203 15.26 3.96 -0.58
CA TYR A 203 14.33 3.45 -1.57
C TYR A 203 12.95 4.15 -1.57
N ALA A 204 12.43 4.49 -0.39
CA ALA A 204 11.14 5.18 -0.29
C ALA A 204 11.10 6.48 -1.07
N GLU A 205 12.20 7.23 -1.02
CA GLU A 205 12.33 8.47 -1.75
C GLU A 205 12.16 8.21 -3.23
N THR A 206 12.64 7.05 -3.71
CA THR A 206 12.47 6.74 -5.12
C THR A 206 11.05 6.24 -5.41
N MET A 207 10.56 5.34 -4.55
CA MET A 207 9.19 4.89 -4.62
C MET A 207 8.24 6.08 -4.80
N ASP A 208 8.48 7.14 -4.04
CA ASP A 208 7.57 8.27 -4.08
C ASP A 208 7.51 8.93 -5.47
N ARG A 209 8.68 9.29 -6.00
CA ARG A 209 8.83 9.83 -7.34
C ARG A 209 8.16 8.93 -8.37
N GLU A 210 8.52 7.65 -8.36
CA GLU A 210 8.03 6.71 -9.35
C GLU A 210 6.51 6.57 -9.30
N PHE A 211 5.96 6.52 -8.08
CA PHE A 211 4.54 6.39 -7.91
C PHE A 211 3.84 7.60 -8.51
N ARG A 212 4.36 8.79 -8.22
CA ARG A 212 3.78 10.01 -8.75
C ARG A 212 3.81 10.02 -10.27
N LYS A 213 4.98 9.69 -10.83
CA LYS A 213 5.16 9.61 -12.28
C LYS A 213 4.25 8.56 -12.93
N TRP A 214 4.23 7.33 -12.41
CA TRP A 214 3.34 6.31 -12.99
C TRP A 214 1.88 6.64 -12.89
N MET A 215 1.46 7.25 -11.77
CA MET A 215 0.05 7.60 -11.65
C MET A 215 -0.30 8.63 -12.71
N LYS A 216 0.56 9.64 -12.88
CA LYS A 216 0.34 10.64 -13.95
C LYS A 216 0.24 9.96 -15.31
N TRP A 217 1.11 8.98 -15.55
CA TRP A 217 1.17 8.28 -16.83
C TRP A 217 -0.13 7.57 -17.20
N TYR A 218 -0.78 6.97 -16.21
CA TYR A 218 -2.04 6.29 -16.44
C TYR A 218 -3.21 7.26 -16.24
N GLY A 219 -2.90 8.46 -15.76
CA GLY A 219 -3.94 9.45 -15.46
C GLY A 219 -4.91 9.02 -14.38
N LYS A 220 -4.36 8.58 -13.26
CA LYS A 220 -5.17 8.12 -12.15
C LYS A 220 -4.94 9.05 -10.99
N LYS A 221 -6.00 9.34 -10.21
CA LYS A 221 -5.86 10.22 -9.06
C LYS A 221 -5.52 9.43 -7.79
N HIS A 222 -4.81 10.09 -6.88
CA HIS A 222 -4.51 9.50 -5.58
C HIS A 222 -4.61 10.53 -4.49
N ALA A 223 -4.82 10.11 -3.26
CA ALA A 223 -4.87 11.04 -2.15
C ALA A 223 -3.49 11.59 -1.82
N GLU A 224 -3.41 12.53 -0.89
CA GLU A 224 -2.12 13.10 -0.57
C GLU A 224 -1.41 12.24 0.44
N TYR A 225 -0.07 12.18 0.32
CA TYR A 225 0.74 11.38 1.24
C TYR A 225 2.19 11.87 1.34
N THR A 226 2.88 11.45 2.39
CA THR A 226 4.27 11.83 2.63
C THR A 226 4.98 10.65 3.24
N LEU A 227 6.12 10.27 2.65
CA LEU A 227 6.96 9.24 3.20
C LEU A 227 8.13 9.91 3.90
N GLU A 228 8.31 9.62 5.20
CA GLU A 228 9.31 10.32 6.01
C GLU A 228 10.32 9.36 6.63
N ARG A 229 11.56 9.84 6.75
CA ARG A 229 12.53 9.17 7.61
C ARG A 229 12.39 9.71 9.03
N GLY A 230 12.30 8.82 10.00
CA GLY A 230 12.13 9.24 11.39
C GLY A 230 11.94 8.11 12.37
N ASP A 231 11.82 8.46 13.65
CA ASP A 231 11.60 7.48 14.71
C ASP A 231 10.20 7.63 15.31
N PHE A 232 9.33 6.62 15.16
CA PHE A 232 7.97 6.78 15.63
C PHE A 232 7.83 6.78 17.16
N LEU A 233 8.96 6.56 17.84
CA LEU A 233 9.02 6.68 19.31
C LEU A 233 9.50 8.05 19.81
N SER A 234 10.09 8.87 18.94
CA SER A 234 10.46 10.24 19.30
C SER A 234 9.28 11.06 19.87
N GLU A 235 9.62 12.18 20.51
CA GLU A 235 8.65 13.07 21.15
C GLU A 235 7.61 13.59 20.18
N GLU A 236 8.08 14.05 19.02
CA GLU A 236 7.25 14.59 17.95
C GLU A 236 6.08 13.64 17.62
N TRP A 237 6.39 12.34 17.62
CA TRP A 237 5.46 11.33 17.17
C TRP A 237 4.41 11.01 18.18
N ARG A 238 4.72 11.16 19.47
CA ARG A 238 3.71 11.02 20.53
C ARG A 238 2.42 11.74 20.16
N GLU A 239 2.52 13.03 19.86
CA GLU A 239 1.34 13.89 19.60
C GLU A 239 0.72 13.51 18.26
N ARG A 240 1.59 13.28 17.29
CA ARG A 240 1.17 12.94 15.95
C ARG A 240 0.32 11.68 15.99
N ILE A 241 0.77 10.69 16.77
CA ILE A 241 0.04 9.45 16.96
C ILE A 241 -1.33 9.68 17.58
N ALA A 242 -1.42 10.63 18.51
CA ALA A 242 -2.68 10.91 19.19
C ALA A 242 -3.72 11.50 18.24
N ASN A 243 -3.28 12.31 17.28
CA ASN A 243 -4.19 12.83 16.24
C ASN A 243 -4.50 11.91 15.07
N THR A 244 -3.84 10.76 15.01
CA THR A 244 -4.08 9.86 13.90
C THR A 244 -5.33 9.05 14.16
N SER A 245 -6.23 8.97 13.19
CA SER A 245 -7.44 8.17 13.38
C SER A 245 -7.32 6.73 12.93
N VAL A 246 -6.42 6.45 11.97
CA VAL A 246 -6.17 5.06 11.56
C VAL A 246 -4.68 4.78 11.51
N ILE A 247 -4.25 3.74 12.21
CA ILE A 247 -2.83 3.39 12.24
C ILE A 247 -2.61 1.97 11.75
N PHE A 248 -1.72 1.84 10.78
CA PHE A 248 -1.32 0.53 10.36
C PHE A 248 0.06 0.30 10.92
N VAL A 249 0.26 -0.86 11.54
CA VAL A 249 1.58 -1.15 12.09
C VAL A 249 1.87 -2.63 12.04
N ASN A 250 2.87 -2.99 11.25
CA ASN A 250 3.21 -4.37 11.09
C ASN A 250 4.28 -4.70 12.11
N ASN A 251 3.81 -5.04 13.30
CA ASN A 251 4.68 -5.13 14.47
C ASN A 251 5.12 -6.54 14.81
N PHE A 252 4.88 -7.51 13.92
CA PHE A 252 5.15 -8.92 14.23
C PHE A 252 6.53 -9.15 14.84
N ALA A 253 7.50 -8.34 14.43
CA ALA A 253 8.88 -8.55 14.84
C ALA A 253 9.38 -7.45 15.77
N PHE A 254 8.46 -6.69 16.37
CA PHE A 254 8.85 -5.60 17.25
C PHE A 254 9.39 -6.07 18.59
N GLY A 255 8.70 -6.99 19.27
CA GLY A 255 9.10 -7.43 20.61
C GLY A 255 8.42 -6.58 21.68
N PRO A 256 8.36 -7.10 22.93
CA PRO A 256 7.53 -6.49 23.99
C PRO A 256 7.96 -5.07 24.39
N GLU A 257 9.26 -4.81 24.39
CA GLU A 257 9.84 -3.48 24.60
C GLU A 257 9.13 -2.39 23.79
N VAL A 258 9.20 -2.55 22.47
CA VAL A 258 8.61 -1.61 21.52
C VAL A 258 7.08 -1.64 21.56
N ASP A 259 6.48 -2.82 21.70
CA ASP A 259 5.02 -2.93 21.77
C ASP A 259 4.43 -2.12 22.93
N HIS A 260 5.11 -2.20 24.07
CA HIS A 260 4.71 -1.49 25.27
C HIS A 260 4.75 0.00 25.09
N GLN A 261 5.81 0.52 24.49
CA GLN A 261 5.90 1.95 24.25
C GLN A 261 4.81 2.44 23.32
N LEU A 262 4.39 1.56 22.42
CA LEU A 262 3.34 1.87 21.48
C LEU A 262 2.02 1.95 22.19
N LYS A 263 1.76 1.00 23.10
CA LYS A 263 0.59 1.08 23.97
C LYS A 263 0.43 2.45 24.64
N GLU A 264 1.53 3.03 25.11
CA GLU A 264 1.46 4.33 25.76
C GLU A 264 1.03 5.36 24.76
N ARG A 265 1.65 5.30 23.58
CA ARG A 265 1.32 6.23 22.53
C ARG A 265 -0.14 6.16 22.16
N PHE A 266 -0.69 4.94 22.08
CA PHE A 266 -2.06 4.71 21.66
C PHE A 266 -3.09 5.15 22.68
N ALA A 267 -2.72 5.03 23.96
CA ALA A 267 -3.57 5.47 25.10
C ALA A 267 -4.14 6.86 24.91
N ASN A 268 -3.44 7.67 24.10
CA ASN A 268 -3.83 9.04 23.85
C ASN A 268 -4.71 9.27 22.64
N MET A 269 -5.11 8.23 21.93
CA MET A 269 -5.89 8.45 20.72
C MET A 269 -7.31 8.83 21.04
N LYS A 270 -7.97 9.51 20.11
CA LYS A 270 -9.40 9.82 20.24
C LYS A 270 -10.31 8.60 20.10
N GLU A 271 -11.49 8.64 20.71
CA GLU A 271 -12.56 7.63 20.53
C GLU A 271 -12.75 7.21 19.08
N GLY A 272 -13.00 5.93 18.84
CA GLY A 272 -13.20 5.43 17.47
C GLY A 272 -11.92 5.31 16.64
N GLY A 273 -10.80 5.78 17.19
CA GLY A 273 -9.50 5.60 16.56
C GLY A 273 -9.22 4.14 16.30
N ARG A 274 -8.48 3.85 15.24
CA ARG A 274 -8.31 2.48 14.85
C ARG A 274 -6.86 2.12 14.62
N ILE A 275 -6.50 0.91 15.01
CA ILE A 275 -5.17 0.41 14.80
C ILE A 275 -5.28 -0.96 14.19
N VAL A 276 -4.55 -1.17 13.09
CA VAL A 276 -4.42 -2.46 12.44
C VAL A 276 -2.98 -2.92 12.59
N SER A 277 -2.81 -4.14 13.08
CA SER A 277 -1.50 -4.68 13.37
C SER A 277 -1.47 -6.15 13.05
N SER A 278 -0.28 -6.73 13.05
CA SER A 278 -0.07 -8.15 12.79
C SER A 278 -0.01 -8.98 14.06
N LYS A 279 0.18 -8.30 15.19
CA LYS A 279 0.23 -8.91 16.53
C LYS A 279 -0.60 -8.00 17.44
N PRO A 280 -1.61 -8.55 18.13
CA PRO A 280 -2.58 -7.75 18.94
C PRO A 280 -1.87 -6.96 20.03
N PHE A 281 -2.43 -5.82 20.42
CA PHE A 281 -1.85 -5.08 21.54
C PHE A 281 -2.56 -5.39 22.88
N ALA A 282 -3.64 -6.16 22.80
CA ALA A 282 -4.40 -6.57 23.96
C ALA A 282 -5.03 -7.94 23.68
N PRO A 283 -4.99 -8.85 24.67
CA PRO A 283 -5.58 -10.17 24.42
C PRO A 283 -7.02 -10.02 23.95
N LEU A 284 -7.44 -10.98 23.13
CA LEU A 284 -8.78 -10.99 22.54
C LEU A 284 -9.86 -11.32 23.55
N ASN A 285 -9.49 -12.07 24.58
CA ASN A 285 -10.43 -12.59 25.56
C ASN A 285 -10.58 -11.68 26.77
N PHE A 286 -10.29 -10.39 26.58
CA PHE A 286 -10.09 -9.45 27.67
C PHE A 286 -11.35 -9.04 28.40
N ARG A 287 -11.52 -9.54 29.62
CA ARG A 287 -12.50 -9.02 30.57
C ARG A 287 -11.80 -8.16 31.60
N ILE A 288 -12.40 -7.04 31.95
CA ILE A 288 -11.72 -6.07 32.79
C ILE A 288 -11.93 -6.39 34.27
N ASN A 289 -10.90 -6.95 34.90
CA ASN A 289 -10.99 -7.33 36.29
C ASN A 289 -10.46 -6.23 37.22
N SER A 290 -10.42 -6.56 38.50
CA SER A 290 -9.92 -5.70 39.57
C SER A 290 -8.44 -5.28 39.46
N ARG A 291 -7.62 -6.12 38.86
CA ARG A 291 -6.16 -5.93 38.80
C ARG A 291 -5.58 -5.35 37.48
N ASN A 292 -6.42 -5.15 36.45
CA ASN A 292 -5.91 -4.71 35.14
C ASN A 292 -6.41 -3.36 34.61
N LEU A 293 -6.98 -2.54 35.47
CA LEU A 293 -7.47 -1.17 35.10
C LEU A 293 -6.50 -0.29 34.29
N SER A 294 -5.20 -0.40 34.57
CA SER A 294 -4.21 0.42 33.90
C SER A 294 -4.02 0.00 32.44
N ASP A 295 -4.30 -1.27 32.15
CA ASP A 295 -3.96 -1.92 30.89
C ASP A 295 -4.73 -1.46 29.67
N ILE A 296 -4.05 -1.51 28.52
CA ILE A 296 -4.54 -1.00 27.25
C ILE A 296 -5.86 -1.63 26.79
N GLY A 297 -6.08 -2.90 27.14
CA GLY A 297 -7.36 -3.55 26.87
C GLY A 297 -8.59 -2.84 27.41
N THR A 298 -8.41 -1.98 28.40
CA THR A 298 -9.55 -1.34 29.03
C THR A 298 -10.27 -0.40 28.10
N ILE A 299 -9.56 0.10 27.08
CA ILE A 299 -10.08 1.19 26.26
C ILE A 299 -10.33 0.86 24.78
N MET A 300 -10.31 -0.42 24.41
CA MET A 300 -10.38 -0.82 22.99
C MET A 300 -10.96 -2.20 22.72
N ARG A 301 -11.86 -2.28 21.74
CA ARG A 301 -12.26 -3.57 21.17
C ARG A 301 -11.15 -4.09 20.25
N VAL A 302 -10.91 -5.39 20.28
CA VAL A 302 -9.94 -6.01 19.40
C VAL A 302 -10.55 -7.21 18.71
N VAL A 303 -10.66 -7.17 17.38
CA VAL A 303 -11.11 -8.33 16.58
C VAL A 303 -9.99 -8.94 15.72
N GLU A 304 -10.13 -10.21 15.39
CA GLU A 304 -9.25 -10.80 14.37
C GLU A 304 -9.88 -10.58 13.00
N LEU A 305 -9.08 -10.14 12.03
CA LEU A 305 -9.61 -10.02 10.69
C LEU A 305 -9.69 -11.41 10.05
N SER A 306 -10.71 -11.60 9.22
CA SER A 306 -10.93 -12.87 8.56
C SER A 306 -9.72 -13.20 7.70
N PRO A 307 -9.26 -14.45 7.76
CA PRO A 307 -8.14 -14.80 6.89
C PRO A 307 -8.57 -14.78 5.42
N LEU A 308 -7.64 -14.46 4.53
CA LEU A 308 -7.92 -14.58 3.10
C LEU A 308 -7.68 -16.02 2.72
N LYS A 309 -8.58 -16.58 1.90
CA LYS A 309 -8.57 -18.01 1.56
C LYS A 309 -7.28 -18.42 0.91
N GLY A 310 -6.80 -19.60 1.27
CA GLY A 310 -5.50 -20.08 0.83
C GLY A 310 -4.45 -19.02 1.14
N SER A 311 -3.92 -19.10 2.35
CA SER A 311 -2.94 -18.13 2.83
C SER A 311 -2.28 -18.70 4.07
N VAL A 312 -1.07 -19.20 3.89
CA VAL A 312 -0.34 -19.86 4.96
C VAL A 312 1.09 -19.32 4.94
N SER A 313 1.53 -18.75 6.06
CA SER A 313 2.92 -18.29 6.21
C SER A 313 3.83 -19.46 6.57
N TRP A 314 5.00 -19.16 7.15
CA TRP A 314 5.90 -20.20 7.67
C TRP A 314 5.33 -20.86 8.91
N THR A 315 4.29 -20.25 9.49
CA THR A 315 3.62 -20.74 10.73
C THR A 315 2.57 -21.84 10.49
N GLY A 316 2.34 -22.20 9.22
CA GLY A 316 1.40 -23.29 8.88
C GLY A 316 -0.06 -22.89 8.98
N LYS A 317 -0.37 -22.07 9.98
CA LYS A 317 -1.69 -21.46 10.13
C LYS A 317 -1.77 -20.23 9.21
N PRO A 318 -3.00 -19.72 8.95
CA PRO A 318 -3.17 -18.47 8.17
C PRO A 318 -2.63 -17.21 8.87
N VAL A 319 -2.03 -16.28 8.10
CA VAL A 319 -1.46 -15.04 8.66
C VAL A 319 -2.58 -14.11 9.10
N SER A 320 -2.48 -13.62 10.33
CA SER A 320 -3.57 -12.90 10.94
C SER A 320 -3.25 -11.44 11.10
N TYR A 321 -4.26 -10.60 10.85
CA TYR A 321 -4.19 -9.20 11.23
C TYR A 321 -5.33 -8.83 12.19
N TYR A 322 -5.10 -7.84 13.04
CA TYR A 322 -6.03 -7.50 14.12
C TYR A 322 -6.39 -6.05 14.07
N LEU A 323 -7.66 -5.78 14.29
CA LEU A 323 -8.20 -4.43 14.28
C LEU A 323 -8.51 -4.04 15.71
N HIS A 324 -8.03 -2.86 16.13
CA HIS A 324 -8.34 -2.35 17.45
C HIS A 324 -9.07 -1.07 17.30
N THR A 325 -10.15 -0.91 18.07
CA THR A 325 -10.92 0.34 18.07
C THR A 325 -11.02 0.96 19.45
N ILE A 326 -10.59 2.21 19.56
CA ILE A 326 -10.66 2.93 20.81
C ILE A 326 -12.10 3.02 21.23
N ASP A 327 -12.42 2.36 22.34
CA ASP A 327 -13.77 2.32 22.89
C ASP A 327 -13.68 2.43 24.41
N ARG A 328 -13.82 3.65 24.92
CA ARG A 328 -13.70 3.88 26.37
C ARG A 328 -14.99 3.53 27.14
N THR A 329 -16.10 3.45 26.41
CA THR A 329 -17.30 2.78 26.88
C THR A 329 -16.97 1.52 27.70
N ILE A 330 -15.96 0.76 27.28
CA ILE A 330 -15.65 -0.48 27.99
C ILE A 330 -15.36 -0.16 29.45
N LEU A 331 -14.57 0.91 29.66
CA LEU A 331 -14.14 1.37 30.99
C LEU A 331 -15.28 2.02 31.80
N GLU A 332 -15.91 3.04 31.21
CA GLU A 332 -17.15 3.62 31.72
C GLU A 332 -18.08 2.56 32.28
N ASN A 333 -18.29 1.48 31.54
CA ASN A 333 -19.22 0.46 31.99
C ASN A 333 -18.74 -0.30 33.22
N TYR A 334 -17.44 -0.59 33.30
CA TYR A 334 -16.95 -1.35 34.46
C TYR A 334 -17.01 -0.52 35.73
N PHE A 335 -16.84 0.79 35.60
CA PHE A 335 -17.02 1.67 36.72
C PHE A 335 -18.49 1.76 37.11
N SER A 336 -19.37 2.00 36.14
CA SER A 336 -20.80 2.01 36.43
C SER A 336 -21.23 0.76 37.18
N SER A 337 -20.77 -0.40 36.71
CA SER A 337 -21.11 -1.68 37.33
C SER A 337 -20.47 -1.89 38.71
N LEU A 338 -19.48 -1.09 39.08
CA LEU A 338 -18.94 -1.12 40.44
C LEU A 338 -19.85 -0.38 41.44
N LYS A 339 -21.03 0.02 40.97
CA LYS A 339 -22.07 0.59 41.82
C LYS A 339 -23.38 -0.22 41.73
N ASN A 340 -23.27 -1.56 41.70
CA ASN A 340 -24.40 -2.51 41.50
C ASN A 340 -24.29 -3.87 42.26
N PRO A 341 -25.38 -4.32 42.91
CA PRO A 341 -25.30 -5.58 43.67
C PRO A 341 -25.23 -6.81 42.77
CG EP4 B . 8.09 -5.11 9.04
N2 EP4 B . 8.67 -3.83 8.60
CE EP4 B . 7.88 -3.37 7.46
C5' EP4 B . 8.66 -2.87 9.73
C4' EP4 B . 9.61 -1.68 9.50
O4' EP4 B . 9.51 -0.89 10.72
C1' EP4 B . 10.77 -0.19 10.84
N9 EP4 B . 10.98 0.37 12.21
C4 EP4 B . 10.81 1.67 12.51
N3 EP4 B . 10.46 2.73 11.75
C2 EP4 B . 10.35 4.01 12.34
N1 EP4 B . 10.65 4.17 13.70
C6 EP4 B . 11.00 3.06 14.40
N6 EP4 B . 11.25 3.15 15.73
C5 EP4 B . 11.07 1.83 13.83
N7 EP4 B . 11.39 0.60 14.33
C8 EP4 B . 11.33 -0.30 13.33
C2' EP4 B . 11.76 -1.27 10.59
O2' EP4 B . 12.96 -0.58 10.17
C3' EP4 B . 11.10 -2.09 9.46
O3' EP4 B . 11.62 -1.62 8.22
S SO4 C . 1.71 -9.20 -3.10
O1 SO4 C . 0.47 -9.29 -2.27
O2 SO4 C . 1.31 -8.92 -4.51
O3 SO4 C . 2.61 -8.14 -2.60
O4 SO4 C . 2.39 -10.51 -3.02
S SO4 D . -12.48 -3.16 -8.33
O1 SO4 D . -13.18 -3.86 -7.22
O2 SO4 D . -13.33 -3.18 -9.54
O3 SO4 D . -12.21 -1.75 -7.95
O4 SO4 D . -11.20 -3.85 -8.64
C1 GOL E . -0.73 15.19 11.99
O1 GOL E . -1.81 15.35 12.94
C2 GOL E . -0.09 13.82 12.21
O2 GOL E . 1.03 13.66 11.32
C3 GOL E . -1.12 12.73 11.94
O3 GOL E . -0.53 11.60 11.30
#